data_1F57
#
_entry.id   1F57
#
_cell.length_a   44.389
_cell.length_b   57.712
_cell.length_c   58.193
_cell.angle_alpha   90.00
_cell.angle_beta   101.62
_cell.angle_gamma   90.00
#
_symmetry.space_group_name_H-M   'P 1 21 1'
#
loop_
_entity.id
_entity.type
_entity.pdbx_description
1 polymer 'CARBOXYPEPTIDASE A'
2 non-polymer 'ZINC ION'
3 non-polymer D-CYSTEINE
4 water water
#
_entity_poly.entity_id   1
_entity_poly.type   'polypeptide(L)'
_entity_poly.pdbx_seq_one_letter_code
;ARSTNTFNYATYHTLDEIYDFMDLLVAEHPQLVSKLQIGRSYEGRPIYVLKFSTGGSNRPAIWIDLGIHSREWITQATGV
WFAKKFTEDYGQDPSFTAILDSMDIFLEIVTNPDGFAFTHSQNRLWRKTRSVTSSSLCVGVDANRNWDAGFGKAGASSSP
CSETYHGKYANSEVEVKSIVDFVKDHGNFKAFLSIHSYSQLLLYPYGYTTQSIPDKTELNQVAKSAVAALKSLYGTSYKY
GSIITTIYQASGGSIDWSYNQGIKYSFTFELRDTGRYGFLLPASQIIPTAQETWLGVLTIMEHTVNN
;
_entity_poly.pdbx_strand_id   A
#
# COMPACT_ATOMS: atom_id res chain seq x y z
N ALA A 1 -11.32 11.34 23.67
CA ALA A 1 -10.95 11.39 22.23
C ALA A 1 -10.37 12.76 21.89
N ARG A 2 -9.19 13.03 22.44
CA ARG A 2 -8.52 14.32 22.21
C ARG A 2 -7.14 14.21 21.59
N SER A 3 -6.62 12.99 21.47
CA SER A 3 -5.28 12.83 20.89
C SER A 3 -4.98 11.45 20.29
N THR A 4 -3.86 11.36 19.56
CA THR A 4 -3.49 10.07 18.97
C THR A 4 -2.95 9.14 20.04
N ASN A 5 -2.75 9.66 21.24
CA ASN A 5 -2.26 8.83 22.34
C ASN A 5 -3.40 8.07 22.99
N THR A 6 -4.64 8.49 22.74
CA THR A 6 -5.77 7.78 23.34
C THR A 6 -6.56 7.00 22.28
N PHE A 7 -6.10 7.07 21.04
CA PHE A 7 -6.73 6.37 19.90
C PHE A 7 -6.56 4.87 20.11
N ASN A 8 -7.57 4.09 19.72
CA ASN A 8 -7.51 2.65 19.88
C ASN A 8 -6.96 2.00 18.61
N TYR A 9 -5.68 1.61 18.64
CA TYR A 9 -5.02 1.01 17.48
C TYR A 9 -5.35 -0.48 17.32
N ALA A 10 -6.00 -1.06 18.31
CA ALA A 10 -6.30 -2.49 18.28
C ALA A 10 -7.71 -2.85 17.84
N THR A 11 -8.30 -1.98 17.04
CA THR A 11 -9.63 -2.29 16.52
C THR A 11 -9.73 -1.72 15.10
N TYR A 12 -10.70 -2.20 14.33
CA TYR A 12 -10.89 -1.69 12.99
C TYR A 12 -11.73 -0.42 13.02
N HIS A 13 -11.35 0.56 12.20
CA HIS A 13 -12.03 1.85 12.16
C HIS A 13 -12.78 2.13 10.85
N THR A 14 -13.66 3.13 10.91
CA THR A 14 -14.41 3.56 9.74
C THR A 14 -13.58 4.61 9.00
N LEU A 15 -14.03 4.97 7.80
CA LEU A 15 -13.32 5.97 6.98
C LEU A 15 -13.17 7.29 7.73
N ASP A 16 -14.28 7.80 8.29
CA ASP A 16 -14.26 9.06 9.02
C ASP A 16 -13.28 9.02 10.19
N GLU A 17 -13.29 7.92 10.94
CA GLU A 17 -12.39 7.80 12.08
C GLU A 17 -10.94 7.84 11.61
N ILE A 18 -10.65 7.22 10.47
CA ILE A 18 -9.27 7.24 9.98
C ILE A 18 -8.90 8.63 9.46
N TYR A 19 -9.81 9.26 8.74
CA TYR A 19 -9.51 10.61 8.26
C TYR A 19 -9.33 11.56 9.45
N ASP A 20 -10.15 11.39 10.49
CA ASP A 20 -10.02 12.25 11.67
C ASP A 20 -8.67 12.02 12.35
N PHE A 21 -8.25 10.76 12.39
CA PHE A 21 -6.95 10.40 12.97
C PHE A 21 -5.82 11.14 12.25
N MET A 22 -5.90 11.19 10.92
CA MET A 22 -4.88 11.89 10.15
C MET A 22 -4.78 13.36 10.56
N ASP A 23 -5.93 14.02 10.74
CA ASP A 23 -5.92 15.42 11.16
C ASP A 23 -5.31 15.58 12.56
N LEU A 24 -5.60 14.65 13.47
CA LEU A 24 -5.04 14.75 14.83
C LEU A 24 -3.52 14.65 14.76
N LEU A 25 -3.05 13.68 13.99
CA LEU A 25 -1.61 13.45 13.87
C LEU A 25 -0.91 14.68 13.31
N VAL A 26 -1.51 15.29 12.30
CA VAL A 26 -0.93 16.51 11.70
C VAL A 26 -0.94 17.66 12.71
N ALA A 27 -1.99 17.77 13.50
CA ALA A 27 -2.09 18.84 14.50
C ALA A 27 -1.04 18.65 15.59
N GLU A 28 -0.76 17.39 15.95
CA GLU A 28 0.23 17.11 17.00
C GLU A 28 1.68 17.15 16.57
N HIS A 29 1.95 16.97 15.28
CA HIS A 29 3.34 16.94 14.82
C HIS A 29 3.45 17.71 13.53
N PRO A 30 3.14 19.02 13.58
CA PRO A 30 3.19 19.84 12.37
C PRO A 30 4.54 19.97 11.66
N GLN A 31 5.63 19.81 12.41
CA GLN A 31 6.94 19.94 11.81
C GLN A 31 7.42 18.68 11.09
N LEU A 32 6.66 17.60 11.22
CA LEU A 32 7.05 16.33 10.63
C LEU A 32 6.06 15.77 9.63
N VAL A 33 4.78 16.02 9.87
CA VAL A 33 3.71 15.47 9.02
C VAL A 33 2.79 16.51 8.38
N SER A 34 2.45 16.29 7.12
CA SER A 34 1.49 17.17 6.44
C SER A 34 0.54 16.27 5.67
N LYS A 35 -0.68 16.75 5.49
CA LYS A 35 -1.72 15.99 4.78
C LYS A 35 -1.93 16.63 3.41
N LEU A 36 -1.72 15.84 2.36
CA LEU A 36 -1.89 16.32 1.00
C LEU A 36 -3.12 15.67 0.38
N GLN A 37 -3.86 16.42 -0.43
CA GLN A 37 -5.00 15.83 -1.12
C GLN A 37 -4.50 15.66 -2.56
N ILE A 38 -4.42 14.41 -3.03
CA ILE A 38 -3.91 14.16 -4.37
C ILE A 38 -4.99 13.96 -5.43
N GLY A 39 -6.24 13.96 -5.00
CA GLY A 39 -7.33 13.81 -5.95
C GLY A 39 -8.63 13.51 -5.22
N ARG A 40 -9.62 13.04 -5.97
CA ARG A 40 -10.91 12.68 -5.39
C ARG A 40 -11.23 11.30 -5.91
N SER A 41 -12.04 10.57 -5.16
CA SER A 41 -12.47 9.26 -5.57
C SER A 41 -13.61 9.42 -6.59
N TYR A 42 -14.04 8.33 -7.21
CA TYR A 42 -15.12 8.38 -8.19
C TYR A 42 -16.36 9.09 -7.62
N GLU A 43 -16.73 8.72 -6.39
CA GLU A 43 -17.89 9.27 -5.71
C GLU A 43 -17.70 10.63 -5.05
N GLY A 44 -16.48 11.16 -5.11
CA GLY A 44 -16.27 12.50 -4.59
C GLY A 44 -15.56 12.68 -3.27
N ARG A 45 -15.10 11.60 -2.66
CA ARG A 45 -14.41 11.71 -1.38
C ARG A 45 -12.97 12.13 -1.64
N PRO A 46 -12.38 12.87 -0.70
CA PRO A 46 -10.99 13.28 -0.90
C PRO A 46 -10.05 12.09 -0.77
N ILE A 47 -8.95 12.13 -1.53
CA ILE A 47 -7.92 11.08 -1.45
C ILE A 47 -6.74 11.77 -0.78
N TYR A 48 -6.38 11.29 0.41
CA TYR A 48 -5.32 11.92 1.19
C TYR A 48 -4.06 11.07 1.31
N VAL A 49 -2.93 11.76 1.32
CA VAL A 49 -1.64 11.12 1.52
C VAL A 49 -0.95 11.87 2.66
N LEU A 50 -0.31 11.15 3.59
CA LEU A 50 0.43 11.83 4.64
C LEU A 50 1.87 11.88 4.18
N LYS A 51 2.49 13.06 4.27
CA LYS A 51 3.90 13.24 3.88
C LYS A 51 4.70 13.41 5.17
N PHE A 52 5.68 12.55 5.39
CA PHE A 52 6.56 12.65 6.57
C PHE A 52 7.87 13.16 6.05
N SER A 53 8.36 14.26 6.62
CA SER A 53 9.58 14.86 6.10
C SER A 53 10.24 15.75 7.14
N THR A 54 11.57 15.76 7.13
CA THR A 54 12.30 16.63 8.06
C THR A 54 12.79 17.88 7.35
N GLY A 55 12.45 18.03 6.07
CA GLY A 55 12.87 19.22 5.34
C GLY A 55 13.30 19.01 3.90
N GLY A 56 14.16 19.90 3.42
CA GLY A 56 14.65 19.82 2.06
C GLY A 56 13.51 20.01 1.08
N SER A 57 13.76 19.74 -0.20
CA SER A 57 12.73 19.87 -1.22
C SER A 57 12.95 18.79 -2.28
N ASN A 58 11.89 18.05 -2.59
CA ASN A 58 11.96 16.97 -3.57
C ASN A 58 13.04 15.94 -3.20
N ARG A 59 13.20 15.68 -1.90
CA ARG A 59 14.16 14.69 -1.45
C ARG A 59 13.73 13.32 -2.00
N PRO A 60 14.66 12.36 -2.08
CA PRO A 60 14.35 10.99 -2.56
C PRO A 60 13.21 10.53 -1.67
N ALA A 61 12.27 9.78 -2.22
CA ALA A 61 11.10 9.41 -1.43
C ALA A 61 10.69 7.96 -1.50
N ILE A 62 9.93 7.57 -0.47
CA ILE A 62 9.39 6.21 -0.35
C ILE A 62 7.89 6.33 -0.44
N TRP A 63 7.26 5.53 -1.30
CA TRP A 63 5.81 5.53 -1.45
C TRP A 63 5.26 4.26 -0.80
N ILE A 64 4.21 4.39 0.01
CA ILE A 64 3.59 3.21 0.60
C ILE A 64 2.08 3.37 0.45
N ASP A 65 1.40 2.46 -0.26
CA ASP A 65 -0.06 2.58 -0.29
C ASP A 65 -0.66 1.35 0.38
N LEU A 66 -1.82 1.55 0.99
CA LEU A 66 -2.55 0.47 1.67
C LEU A 66 -4.03 0.60 1.27
N GLY A 67 -4.74 -0.52 1.37
CA GLY A 67 -6.17 -0.49 1.09
C GLY A 67 -6.63 -0.26 -0.32
N ILE A 68 -5.80 -0.56 -1.34
CA ILE A 68 -6.28 -0.35 -2.69
C ILE A 68 -7.45 -1.33 -2.94
N HIS A 69 -7.44 -2.49 -2.26
CA HIS A 69 -8.55 -3.46 -2.32
C HIS A 69 -9.24 -3.22 -0.97
N SER A 70 -10.46 -2.70 -1.01
CA SER A 70 -11.14 -2.28 0.22
C SER A 70 -11.37 -3.29 1.33
N ARG A 71 -11.66 -4.54 0.97
CA ARG A 71 -11.92 -5.56 1.97
C ARG A 71 -10.71 -6.03 2.76
N GLU A 72 -9.51 -5.61 2.36
CA GLU A 72 -8.31 -6.06 3.06
C GLU A 72 -8.05 -5.15 4.25
N TRP A 73 -8.98 -5.19 5.20
CA TRP A 73 -8.96 -4.31 6.37
C TRP A 73 -7.69 -4.28 7.20
N ILE A 74 -6.98 -5.40 7.26
CA ILE A 74 -5.76 -5.39 8.07
C ILE A 74 -4.77 -4.38 7.48
N THR A 75 -4.88 -4.05 6.19
CA THR A 75 -3.92 -3.11 5.61
C THR A 75 -4.20 -1.66 6.08
N GLN A 76 -5.46 -1.22 6.07
CA GLN A 76 -5.68 0.17 6.53
C GLN A 76 -5.30 0.27 8.00
N ALA A 77 -5.61 -0.77 8.78
CA ALA A 77 -5.31 -0.74 10.22
C ALA A 77 -3.80 -0.68 10.47
N THR A 78 -3.05 -1.36 9.62
CA THR A 78 -1.59 -1.37 9.73
C THR A 78 -1.04 0.01 9.35
N GLY A 79 -1.70 0.65 8.39
CA GLY A 79 -1.29 1.98 7.94
C GLY A 79 -1.45 3.01 9.04
N VAL A 80 -2.54 2.92 9.77
CA VAL A 80 -2.79 3.84 10.89
C VAL A 80 -1.68 3.66 11.94
N TRP A 81 -1.34 2.40 12.22
CA TRP A 81 -0.29 2.11 13.20
C TRP A 81 1.07 2.64 12.71
N PHE A 82 1.37 2.45 11.43
CA PHE A 82 2.63 2.94 10.84
C PHE A 82 2.74 4.47 11.03
N ALA A 83 1.66 5.19 10.73
CA ALA A 83 1.66 6.65 10.84
C ALA A 83 2.05 7.12 12.23
N LYS A 84 1.49 6.49 13.26
CA LYS A 84 1.83 6.86 14.62
C LYS A 84 3.28 6.48 14.92
N LYS A 85 3.67 5.28 14.51
CA LYS A 85 5.03 4.77 14.74
C LYS A 85 6.10 5.70 14.17
N PHE A 86 5.89 6.22 12.97
CA PHE A 86 6.89 7.11 12.38
C PHE A 86 7.12 8.32 13.28
N THR A 87 6.04 8.86 13.87
CA THR A 87 6.17 10.05 14.74
C THR A 87 6.81 9.72 16.09
N GLU A 88 6.69 8.47 16.53
CA GLU A 88 7.27 8.06 17.81
C GLU A 88 8.76 7.74 17.67
N ASP A 89 9.14 7.12 16.56
CA ASP A 89 10.52 6.70 16.42
C ASP A 89 11.50 7.70 15.86
N TYR A 90 11.02 8.77 15.24
CA TYR A 90 11.98 9.74 14.71
C TYR A 90 12.68 10.43 15.88
N GLY A 91 14.00 10.35 15.89
CA GLY A 91 14.75 10.96 16.97
C GLY A 91 15.01 9.96 18.10
N GLN A 92 14.35 8.81 18.05
CA GLN A 92 14.53 7.79 19.08
C GLN A 92 15.24 6.57 18.55
N ASP A 93 14.80 6.06 17.41
CA ASP A 93 15.44 4.89 16.81
C ASP A 93 16.48 5.42 15.82
N PRO A 94 17.76 5.07 16.02
CA PRO A 94 18.82 5.54 15.12
C PRO A 94 18.65 5.22 13.63
N SER A 95 18.16 4.02 13.33
CA SER A 95 17.99 3.66 11.91
C SER A 95 16.87 4.45 11.25
N PHE A 96 15.70 4.51 11.90
CA PHE A 96 14.59 5.26 11.28
C PHE A 96 14.94 6.74 11.20
N THR A 97 15.64 7.24 12.21
CA THR A 97 16.00 8.66 12.22
C THR A 97 16.87 8.97 11.00
N ALA A 98 17.81 8.08 10.69
CA ALA A 98 18.68 8.31 9.54
C ALA A 98 17.89 8.30 8.24
N ILE A 99 16.87 7.47 8.16
CA ILE A 99 16.06 7.40 6.94
C ILE A 99 15.27 8.71 6.76
N LEU A 100 14.58 9.16 7.81
CA LEU A 100 13.79 10.38 7.65
C LEU A 100 14.66 11.64 7.55
N ASP A 101 15.93 11.55 7.96
CA ASP A 101 16.81 12.71 7.82
C ASP A 101 17.28 12.86 6.37
N SER A 102 17.13 11.81 5.56
CA SER A 102 17.56 11.82 4.18
C SER A 102 16.45 11.64 3.14
N MET A 103 15.34 11.02 3.55
CA MET A 103 14.24 10.74 2.61
C MET A 103 12.88 11.13 3.15
N ASP A 104 11.94 11.39 2.25
CA ASP A 104 10.56 11.68 2.67
C ASP A 104 9.76 10.39 2.52
N ILE A 105 8.73 10.22 3.34
CA ILE A 105 7.87 9.04 3.21
C ILE A 105 6.47 9.55 2.92
N PHE A 106 5.82 8.96 1.91
CA PHE A 106 4.44 9.33 1.54
C PHE A 106 3.62 8.08 1.83
N LEU A 107 2.62 8.23 2.67
CA LEU A 107 1.82 7.12 3.14
C LEU A 107 0.34 7.34 2.77
N GLU A 108 -0.22 6.43 1.97
CA GLU A 108 -1.63 6.55 1.58
C GLU A 108 -2.37 5.42 2.30
N ILE A 109 -3.06 5.76 3.39
CA ILE A 109 -3.74 4.73 4.20
C ILE A 109 -5.00 4.13 3.58
N VAL A 110 -5.81 4.97 2.94
CA VAL A 110 -7.05 4.49 2.31
C VAL A 110 -7.00 4.84 0.83
N THR A 111 -6.43 3.93 0.05
CA THR A 111 -6.24 4.19 -1.36
C THR A 111 -7.51 4.12 -2.20
N ASN A 112 -8.52 3.44 -1.66
CA ASN A 112 -9.80 3.25 -2.36
C ASN A 112 -10.89 3.59 -1.31
N PRO A 113 -11.12 4.89 -1.11
CA PRO A 113 -12.13 5.24 -0.10
C PRO A 113 -13.58 4.85 -0.38
N ASP A 114 -14.00 4.87 -1.65
CA ASP A 114 -15.38 4.50 -1.95
C ASP A 114 -15.64 3.04 -1.59
N GLY A 115 -14.69 2.20 -1.96
CA GLY A 115 -14.84 0.80 -1.65
C GLY A 115 -14.78 0.61 -0.15
N PHE A 116 -13.91 1.35 0.54
CA PHE A 116 -13.81 1.17 1.99
C PHE A 116 -15.15 1.52 2.67
N ALA A 117 -15.76 2.63 2.29
CA ALA A 117 -17.04 3.00 2.88
C ALA A 117 -18.09 1.91 2.56
N PHE A 118 -18.02 1.35 1.35
CA PHE A 118 -18.96 0.31 0.94
C PHE A 118 -18.78 -0.97 1.79
N THR A 119 -17.55 -1.27 2.20
CA THR A 119 -17.38 -2.49 3.01
C THR A 119 -17.94 -2.32 4.40
N HIS A 120 -18.14 -1.08 4.84
CA HIS A 120 -18.66 -0.84 6.17
C HIS A 120 -20.18 -0.78 6.17
N SER A 121 -20.76 -0.36 5.06
CA SER A 121 -22.21 -0.22 5.06
C SER A 121 -23.01 -1.22 4.27
N GLN A 122 -22.40 -1.87 3.29
CA GLN A 122 -23.17 -2.80 2.46
C GLN A 122 -22.58 -4.15 2.15
N ASN A 123 -21.29 -4.22 1.84
CA ASN A 123 -20.71 -5.51 1.49
C ASN A 123 -19.28 -5.56 2.00
N ARG A 124 -19.08 -6.27 3.11
CA ARG A 124 -17.78 -6.39 3.78
C ARG A 124 -16.67 -6.92 2.88
N LEU A 125 -17.03 -7.71 1.87
CA LEU A 125 -16.01 -8.29 1.00
C LEU A 125 -15.79 -7.57 -0.32
N TRP A 126 -16.31 -6.36 -0.46
CA TRP A 126 -16.11 -5.61 -1.70
C TRP A 126 -14.61 -5.36 -1.90
N ARG A 127 -14.15 -5.59 -3.12
CA ARG A 127 -12.73 -5.43 -3.49
C ARG A 127 -12.41 -4.26 -4.42
N LYS A 128 -13.33 -3.97 -5.34
CA LYS A 128 -13.11 -2.99 -6.38
C LYS A 128 -13.39 -1.53 -6.03
N THR A 129 -13.25 -0.65 -7.02
CA THR A 129 -13.59 0.76 -6.84
C THR A 129 -15.13 0.73 -7.00
N ARG A 130 -15.77 1.90 -7.09
CA ARG A 130 -17.23 1.95 -7.26
C ARG A 130 -17.62 2.73 -8.51
N SER A 131 -16.74 2.74 -9.51
CA SER A 131 -17.06 3.43 -10.76
C SER A 131 -18.18 2.75 -11.54
N VAL A 132 -19.02 3.55 -12.18
CA VAL A 132 -20.15 3.06 -12.96
C VAL A 132 -19.68 2.67 -14.35
N THR A 133 -20.10 1.49 -14.79
CA THR A 133 -19.74 0.99 -16.10
C THR A 133 -20.95 1.09 -17.01
N SER A 134 -20.83 1.83 -18.12
CA SER A 134 -21.96 1.93 -19.04
C SER A 134 -22.14 0.55 -19.66
N SER A 135 -23.35 0.22 -20.10
CA SER A 135 -23.60 -1.07 -20.71
C SER A 135 -23.55 -2.23 -19.72
N SER A 136 -23.45 -1.93 -18.42
CA SER A 136 -23.40 -3.01 -17.42
C SER A 136 -24.16 -2.73 -16.13
N LEU A 137 -24.66 -3.80 -15.52
CA LEU A 137 -25.38 -3.73 -14.25
C LEU A 137 -24.35 -3.85 -13.12
N CYS A 138 -23.11 -4.14 -13.49
CA CYS A 138 -22.05 -4.29 -12.49
C CYS A 138 -21.24 -3.02 -12.30
N VAL A 139 -20.74 -2.86 -11.07
CA VAL A 139 -19.97 -1.68 -10.70
C VAL A 139 -18.52 -1.99 -10.29
N GLY A 140 -17.63 -1.03 -10.57
CA GLY A 140 -16.26 -1.16 -10.11
C GLY A 140 -15.20 -1.81 -10.95
N VAL A 141 -13.97 -1.38 -10.67
CA VAL A 141 -12.80 -1.89 -11.38
C VAL A 141 -11.80 -2.36 -10.34
N ASP A 142 -11.05 -3.42 -10.65
CA ASP A 142 -10.00 -3.88 -9.73
C ASP A 142 -8.86 -2.89 -9.91
N ALA A 143 -8.66 -2.01 -8.92
CA ALA A 143 -7.63 -0.98 -9.06
C ALA A 143 -6.22 -1.55 -9.18
N ASN A 144 -6.01 -2.82 -8.82
CA ASN A 144 -4.69 -3.39 -8.99
C ASN A 144 -4.53 -4.18 -10.29
N ARG A 145 -5.42 -3.91 -11.26
CA ARG A 145 -5.33 -4.51 -12.60
C ARG A 145 -5.48 -3.35 -13.59
N ASN A 146 -5.52 -2.12 -13.08
CA ASN A 146 -5.75 -0.91 -13.88
C ASN A 146 -4.51 -0.11 -14.26
N TRP A 147 -3.32 -0.56 -13.84
CA TRP A 147 -2.11 0.19 -14.14
C TRP A 147 -1.54 -0.12 -15.52
N ASP A 148 -0.78 0.84 -16.04
CA ASP A 148 -0.21 0.72 -17.39
C ASP A 148 1.04 -0.16 -17.39
N ALA A 149 0.85 -1.47 -17.19
CA ALA A 149 1.96 -2.41 -17.17
C ALA A 149 1.36 -3.73 -17.60
N GLY A 150 1.55 -4.07 -18.87
CA GLY A 150 0.96 -5.29 -19.39
C GLY A 150 -0.55 -5.18 -19.32
N PHE A 151 -1.06 -3.97 -19.36
CA PHE A 151 -2.50 -3.78 -19.26
C PHE A 151 -3.32 -4.59 -20.26
N GLY A 152 -4.35 -5.26 -19.76
CA GLY A 152 -5.21 -6.03 -20.64
C GLY A 152 -4.72 -7.41 -20.99
N LYS A 153 -3.51 -7.76 -20.57
CA LYS A 153 -2.97 -9.09 -20.85
C LYS A 153 -3.57 -10.10 -19.89
N ALA A 154 -3.26 -11.38 -20.11
CA ALA A 154 -3.78 -12.44 -19.28
C ALA A 154 -3.47 -12.09 -17.82
N GLY A 155 -4.35 -12.50 -16.91
CA GLY A 155 -4.14 -12.19 -15.52
C GLY A 155 -5.05 -11.07 -15.04
N ALA A 156 -6.07 -10.76 -15.83
CA ALA A 156 -7.05 -9.73 -15.51
C ALA A 156 -8.26 -10.06 -16.38
N SER A 157 -9.40 -9.45 -16.10
CA SER A 157 -10.61 -9.74 -16.87
C SER A 157 -11.19 -8.55 -17.60
N SER A 158 -11.84 -8.79 -18.73
CA SER A 158 -12.50 -7.72 -19.49
C SER A 158 -13.98 -7.74 -19.10
N SER A 159 -14.38 -8.63 -18.21
CA SER A 159 -15.80 -8.68 -17.79
C SER A 159 -16.08 -7.71 -16.64
N PRO A 160 -16.96 -6.71 -16.86
CA PRO A 160 -17.28 -5.73 -15.82
C PRO A 160 -17.75 -6.31 -14.48
N CYS A 161 -18.38 -7.48 -14.52
CA CYS A 161 -18.86 -8.10 -13.29
C CYS A 161 -17.80 -8.89 -12.55
N SER A 162 -16.61 -9.02 -13.13
CA SER A 162 -15.53 -9.78 -12.51
C SER A 162 -14.83 -9.05 -11.36
N GLU A 163 -14.34 -9.81 -10.38
CA GLU A 163 -13.63 -9.22 -9.25
C GLU A 163 -12.26 -8.71 -9.71
N THR A 164 -11.81 -9.15 -10.88
CA THR A 164 -10.51 -8.70 -11.40
C THR A 164 -10.65 -7.92 -12.70
N TYR A 165 -11.79 -7.24 -12.87
CA TYR A 165 -12.05 -6.46 -14.07
C TYR A 165 -10.98 -5.37 -14.18
N HIS A 166 -10.33 -5.24 -15.33
CA HIS A 166 -9.27 -4.25 -15.45
C HIS A 166 -9.70 -2.85 -15.86
N GLY A 167 -10.96 -2.68 -16.22
CA GLY A 167 -11.39 -1.35 -16.64
C GLY A 167 -11.29 -1.18 -18.14
N LYS A 168 -11.82 -0.07 -18.66
CA LYS A 168 -11.83 0.22 -20.10
C LYS A 168 -10.45 0.50 -20.67
N TYR A 169 -9.60 1.17 -19.91
CA TYR A 169 -8.25 1.47 -20.38
C TYR A 169 -7.37 1.70 -19.17
N ALA A 170 -6.05 1.68 -19.35
CA ALA A 170 -5.14 1.88 -18.23
C ALA A 170 -5.32 3.26 -17.59
N ASN A 171 -5.33 3.30 -16.26
CA ASN A 171 -5.52 4.52 -15.47
C ASN A 171 -6.91 5.12 -15.61
N SER A 172 -7.87 4.30 -15.98
CA SER A 172 -9.23 4.79 -16.11
C SER A 172 -9.78 5.21 -14.74
N GLU A 173 -9.32 4.54 -13.68
CA GLU A 173 -9.80 4.85 -12.32
C GLU A 173 -9.08 6.05 -11.74
N VAL A 174 -9.86 7.03 -11.30
CA VAL A 174 -9.28 8.25 -10.77
C VAL A 174 -8.40 7.97 -9.55
N GLU A 175 -8.73 6.92 -8.79
CA GLU A 175 -7.95 6.54 -7.60
C GLU A 175 -6.55 6.12 -8.02
N VAL A 176 -6.42 5.56 -9.21
CA VAL A 176 -5.11 5.12 -9.71
C VAL A 176 -4.40 6.27 -10.41
N LYS A 177 -5.12 6.95 -11.29
CA LYS A 177 -4.53 8.09 -12.01
C LYS A 177 -3.98 9.13 -11.02
N SER A 178 -4.66 9.31 -9.89
CA SER A 178 -4.19 10.28 -8.89
C SER A 178 -2.78 9.96 -8.40
N ILE A 179 -2.51 8.67 -8.16
CA ILE A 179 -1.19 8.26 -7.69
C ILE A 179 -0.17 8.39 -8.84
N VAL A 180 -0.55 7.86 -10.01
CA VAL A 180 0.33 7.95 -11.18
C VAL A 180 0.83 9.38 -11.41
N ASP A 181 -0.10 10.34 -11.46
CA ASP A 181 0.22 11.74 -11.69
C ASP A 181 1.12 12.33 -10.60
N PHE A 182 0.81 12.00 -9.35
CA PHE A 182 1.60 12.50 -8.24
C PHE A 182 3.03 11.96 -8.26
N VAL A 183 3.17 10.66 -8.49
CA VAL A 183 4.48 10.03 -8.49
C VAL A 183 5.33 10.52 -9.68
N LYS A 184 4.72 10.62 -10.87
CA LYS A 184 5.47 11.07 -12.03
C LYS A 184 5.88 12.53 -11.92
N ASP A 185 5.00 13.36 -11.39
CA ASP A 185 5.27 14.79 -11.23
C ASP A 185 6.37 15.01 -10.20
N HIS A 186 6.37 14.21 -9.13
CA HIS A 186 7.38 14.31 -8.08
C HIS A 186 8.73 13.93 -8.69
N GLY A 187 8.76 12.79 -9.36
CA GLY A 187 9.95 12.31 -10.04
C GLY A 187 11.17 11.85 -9.27
N ASN A 188 11.08 11.75 -7.96
CA ASN A 188 12.25 11.30 -7.21
C ASN A 188 11.95 10.18 -6.21
N PHE A 189 11.02 9.30 -6.58
CA PHE A 189 10.70 8.16 -5.72
C PHE A 189 11.73 7.07 -5.93
N LYS A 190 12.19 6.49 -4.82
CA LYS A 190 13.19 5.43 -4.83
C LYS A 190 12.62 4.07 -4.47
N ALA A 191 11.49 4.06 -3.76
CA ALA A 191 10.87 2.80 -3.35
C ALA A 191 9.36 2.99 -3.47
N PHE A 192 8.65 1.90 -3.75
CA PHE A 192 7.20 1.95 -3.93
C PHE A 192 6.69 0.63 -3.35
N LEU A 193 5.98 0.71 -2.23
CA LEU A 193 5.49 -0.48 -1.57
C LEU A 193 3.97 -0.48 -1.58
N SER A 194 3.36 -1.56 -2.05
CA SER A 194 1.88 -1.61 -2.04
C SER A 194 1.52 -2.73 -1.09
N ILE A 195 0.66 -2.42 -0.12
CA ILE A 195 0.29 -3.39 0.91
C ILE A 195 -1.11 -3.97 0.72
N HIS A 196 -1.17 -5.29 0.72
CA HIS A 196 -2.41 -6.06 0.51
C HIS A 196 -2.51 -7.16 1.57
N SER A 197 -3.57 -7.96 1.48
CA SER A 197 -3.73 -9.16 2.32
C SER A 197 -4.61 -10.08 1.45
N TYR A 198 -4.56 -11.39 1.62
CA TYR A 198 -3.73 -12.06 2.60
C TYR A 198 -2.91 -13.13 1.85
N SER A 199 -2.04 -13.81 2.58
CA SER A 199 -1.23 -14.93 2.09
C SER A 199 0.17 -15.02 2.67
N GLN A 200 0.65 -13.93 3.27
CA GLN A 200 1.99 -13.88 3.87
C GLN A 200 3.06 -14.08 2.80
N LEU A 201 3.09 -13.14 1.86
CA LEU A 201 4.06 -13.13 0.76
C LEU A 201 4.69 -11.74 0.64
N LEU A 202 5.92 -11.70 0.14
CA LEU A 202 6.60 -10.42 -0.13
C LEU A 202 7.04 -10.65 -1.57
N LEU A 203 6.47 -9.86 -2.49
CA LEU A 203 6.72 -10.06 -3.91
C LEU A 203 7.37 -8.91 -4.64
N TYR A 204 8.15 -9.22 -5.66
CA TYR A 204 8.75 -8.18 -6.47
C TYR A 204 8.31 -8.44 -7.93
N PRO A 205 8.61 -7.51 -8.84
CA PRO A 205 8.17 -7.70 -10.24
C PRO A 205 8.86 -8.85 -10.97
N TYR A 206 8.23 -9.38 -12.02
CA TYR A 206 6.95 -8.91 -12.57
C TYR A 206 5.81 -9.90 -12.38
N GLY A 207 4.59 -9.41 -12.57
CA GLY A 207 3.42 -10.25 -12.52
C GLY A 207 2.90 -10.46 -13.95
N TYR A 208 3.17 -9.53 -14.86
CA TYR A 208 2.61 -9.67 -16.21
C TYR A 208 3.44 -10.41 -17.24
N THR A 209 4.70 -10.68 -16.94
CA THR A 209 5.56 -11.37 -17.89
C THR A 209 6.54 -12.24 -17.13
N THR A 210 7.02 -13.33 -17.75
CA THR A 210 7.97 -14.23 -17.08
C THR A 210 9.40 -13.71 -17.17
N GLN A 211 9.62 -12.65 -17.95
CA GLN A 211 10.95 -12.07 -18.09
C GLN A 211 11.46 -11.61 -16.72
N SER A 212 12.69 -11.96 -16.36
CA SER A 212 13.25 -11.56 -15.06
C SER A 212 13.70 -10.10 -15.10
N ILE A 213 13.53 -9.39 -13.99
CA ILE A 213 13.95 -7.99 -13.95
C ILE A 213 15.49 -7.95 -13.85
N PRO A 214 16.11 -6.91 -14.41
CA PRO A 214 17.57 -6.80 -14.37
C PRO A 214 18.14 -6.79 -12.93
N ASP A 215 17.34 -6.32 -11.98
CA ASP A 215 17.77 -6.22 -10.58
C ASP A 215 17.32 -7.43 -9.75
N LYS A 216 17.03 -8.55 -10.39
CA LYS A 216 16.51 -9.70 -9.65
C LYS A 216 17.37 -10.17 -8.47
N THR A 217 18.67 -10.28 -8.67
CA THR A 217 19.51 -10.77 -7.58
C THR A 217 19.43 -9.89 -6.34
N GLU A 218 19.54 -8.58 -6.54
CA GLU A 218 19.47 -7.65 -5.43
C GLU A 218 18.08 -7.64 -4.77
N LEU A 219 17.02 -7.49 -5.57
CA LEU A 219 15.68 -7.44 -4.96
C LEU A 219 15.35 -8.73 -4.23
N ASN A 220 15.82 -9.85 -4.78
CA ASN A 220 15.55 -11.14 -4.14
C ASN A 220 16.24 -11.18 -2.76
N GLN A 221 17.48 -10.69 -2.68
CA GLN A 221 18.19 -10.67 -1.40
C GLN A 221 17.51 -9.70 -0.43
N VAL A 222 17.04 -8.57 -0.94
CA VAL A 222 16.37 -7.61 -0.07
C VAL A 222 15.08 -8.26 0.50
N ALA A 223 14.32 -8.94 -0.35
CA ALA A 223 13.09 -9.59 0.11
C ALA A 223 13.42 -10.68 1.13
N LYS A 224 14.45 -11.47 0.84
CA LYS A 224 14.85 -12.53 1.78
C LYS A 224 15.20 -11.91 3.14
N SER A 225 15.95 -10.80 3.13
CA SER A 225 16.33 -10.14 4.38
C SER A 225 15.12 -9.58 5.12
N ALA A 226 14.18 -9.01 4.37
CA ALA A 226 12.97 -8.44 4.97
C ALA A 226 12.09 -9.52 5.62
N VAL A 227 11.95 -10.66 4.93
CA VAL A 227 11.14 -11.75 5.48
C VAL A 227 11.80 -12.31 6.74
N ALA A 228 13.13 -12.36 6.77
CA ALA A 228 13.82 -12.87 7.96
C ALA A 228 13.59 -11.93 9.15
N ALA A 229 13.64 -10.62 8.89
CA ALA A 229 13.44 -9.63 9.96
C ALA A 229 12.01 -9.76 10.49
N LEU A 230 11.07 -9.82 9.57
CA LEU A 230 9.65 -9.95 9.93
C LEU A 230 9.38 -11.19 10.81
N LYS A 231 9.96 -12.32 10.41
CA LYS A 231 9.77 -13.59 11.11
C LYS A 231 10.34 -13.61 12.52
N SER A 232 11.39 -12.85 12.74
CA SER A 232 12.06 -12.84 14.04
C SER A 232 11.19 -12.52 15.24
N LEU A 233 10.14 -11.73 15.03
CA LEU A 233 9.30 -11.33 16.15
C LEU A 233 8.35 -12.38 16.70
N TYR A 234 7.46 -12.89 15.85
CA TYR A 234 6.47 -13.87 16.27
C TYR A 234 6.59 -15.21 15.56
N GLY A 235 7.56 -15.35 14.67
CA GLY A 235 7.75 -16.60 13.94
C GLY A 235 6.89 -16.74 12.69
N THR A 236 6.25 -15.64 12.30
CA THR A 236 5.38 -15.64 11.14
C THR A 236 6.18 -15.97 9.88
N SER A 237 5.71 -16.98 9.14
CA SER A 237 6.41 -17.40 7.94
C SER A 237 5.89 -16.79 6.66
N TYR A 238 6.79 -16.12 5.93
CA TYR A 238 6.44 -15.51 4.66
C TYR A 238 7.26 -16.19 3.56
N LYS A 239 6.71 -16.22 2.35
CA LYS A 239 7.47 -16.73 1.19
C LYS A 239 7.74 -15.46 0.38
N TYR A 240 8.72 -15.50 -0.51
CA TYR A 240 9.01 -14.33 -1.32
C TYR A 240 9.45 -14.78 -2.70
N GLY A 241 9.36 -13.87 -3.65
CA GLY A 241 9.75 -14.17 -5.02
C GLY A 241 9.03 -13.24 -5.97
N SER A 242 9.16 -13.47 -7.27
CA SER A 242 8.48 -12.60 -8.22
C SER A 242 7.00 -12.94 -8.20
N ILE A 243 6.16 -11.98 -8.57
CA ILE A 243 4.73 -12.24 -8.59
C ILE A 243 4.37 -13.45 -9.44
N ILE A 244 4.80 -13.44 -10.70
CA ILE A 244 4.41 -14.49 -11.60
C ILE A 244 4.86 -15.90 -11.20
N THR A 245 6.02 -16.03 -10.59
CA THR A 245 6.47 -17.38 -10.20
C THR A 245 5.90 -17.79 -8.84
N THR A 246 5.31 -16.85 -8.11
CA THR A 246 4.78 -17.20 -6.79
C THR A 246 3.26 -17.33 -6.74
N ILE A 247 2.55 -16.41 -7.36
CA ILE A 247 1.08 -16.45 -7.37
C ILE A 247 0.45 -16.36 -8.76
N TYR A 248 1.27 -16.62 -9.77
CA TYR A 248 0.82 -16.67 -11.16
C TYR A 248 0.59 -15.33 -11.82
N GLN A 249 0.29 -15.38 -13.12
CA GLN A 249 0.12 -14.16 -13.90
C GLN A 249 -0.93 -13.20 -13.40
N ALA A 250 -0.59 -11.92 -13.40
CA ALA A 250 -1.49 -10.85 -12.98
C ALA A 250 -1.02 -9.65 -13.78
N SER A 251 -1.91 -9.02 -14.54
CA SER A 251 -1.52 -7.87 -15.35
C SER A 251 -2.08 -6.57 -14.82
N GLY A 252 -1.45 -5.47 -15.20
CA GLY A 252 -1.91 -4.15 -14.77
C GLY A 252 -1.67 -3.86 -13.31
N GLY A 253 -0.67 -4.50 -12.70
CA GLY A 253 -0.38 -4.30 -11.28
C GLY A 253 0.49 -3.09 -10.99
N SER A 254 0.35 -2.54 -9.79
CA SER A 254 1.06 -1.33 -9.45
C SER A 254 2.58 -1.39 -9.40
N ILE A 255 3.16 -2.43 -8.80
CA ILE A 255 4.62 -2.44 -8.71
C ILE A 255 5.31 -2.77 -10.03
N ASP A 256 4.57 -3.35 -10.97
CA ASP A 256 5.15 -3.63 -12.28
C ASP A 256 5.24 -2.26 -12.96
N TRP A 257 4.22 -1.44 -12.77
CA TRP A 257 4.25 -0.09 -13.34
C TRP A 257 5.36 0.75 -12.69
N SER A 258 5.43 0.74 -11.36
CA SER A 258 6.44 1.56 -10.69
C SER A 258 7.87 1.14 -11.05
N TYR A 259 8.12 -0.17 -11.14
CA TYR A 259 9.46 -0.64 -11.51
C TYR A 259 9.80 -0.14 -12.93
N ASN A 260 8.81 -0.17 -13.83
CA ASN A 260 9.02 0.28 -15.20
C ASN A 260 9.18 1.80 -15.27
N GLN A 261 8.86 2.52 -14.20
CA GLN A 261 9.05 3.97 -14.17
C GLN A 261 10.46 4.25 -13.61
N GLY A 262 11.23 3.19 -13.35
CA GLY A 262 12.57 3.35 -12.80
C GLY A 262 12.67 3.38 -11.29
N ILE A 263 11.60 2.98 -10.61
CA ILE A 263 11.60 2.96 -9.14
C ILE A 263 12.02 1.54 -8.81
N LYS A 264 13.31 1.41 -8.51
CA LYS A 264 13.91 0.09 -8.30
C LYS A 264 13.33 -0.76 -7.17
N TYR A 265 13.14 -0.16 -6.01
CA TYR A 265 12.67 -0.94 -4.87
C TYR A 265 11.15 -0.98 -4.81
N SER A 266 10.58 -1.79 -5.70
CA SER A 266 9.12 -1.93 -5.81
C SER A 266 8.73 -3.32 -5.28
N PHE A 267 7.94 -3.34 -4.21
CA PHE A 267 7.53 -4.60 -3.60
C PHE A 267 6.08 -4.58 -3.18
N THR A 268 5.45 -5.76 -3.17
CA THR A 268 4.09 -5.85 -2.66
C THR A 268 4.08 -6.83 -1.49
N PHE A 269 3.45 -6.42 -0.39
CA PHE A 269 3.33 -7.29 0.79
C PHE A 269 1.89 -7.84 0.81
N GLU A 270 1.73 -9.13 1.14
CA GLU A 270 0.40 -9.71 1.30
C GLU A 270 0.49 -10.14 2.76
N LEU A 271 -0.26 -9.47 3.61
CA LEU A 271 -0.13 -9.73 5.06
C LEU A 271 -0.88 -10.96 5.53
N ARG A 272 -1.00 -11.10 6.86
CA ARG A 272 -1.69 -12.22 7.49
C ARG A 272 -3.16 -12.35 7.05
N ASP A 273 -3.74 -13.56 7.12
CA ASP A 273 -3.03 -14.78 7.49
C ASP A 273 -2.84 -15.60 6.21
N THR A 274 -2.92 -16.93 6.26
CA THR A 274 -2.78 -17.65 5.00
C THR A 274 -4.11 -18.20 4.48
N GLY A 275 -5.19 -17.97 5.21
CA GLY A 275 -6.49 -18.43 4.74
C GLY A 275 -7.44 -18.93 5.82
N ARG A 276 -6.95 -19.07 7.04
CA ARG A 276 -7.82 -19.52 8.13
C ARG A 276 -8.95 -18.51 8.32
N TYR A 277 -8.56 -17.26 8.58
CA TYR A 277 -9.53 -16.18 8.76
C TYR A 277 -9.62 -15.33 7.48
N GLY A 278 -8.55 -15.34 6.69
CA GLY A 278 -8.57 -14.60 5.44
C GLY A 278 -8.76 -13.10 5.60
N PHE A 279 -9.73 -12.53 4.87
CA PHE A 279 -9.99 -11.09 4.96
C PHE A 279 -10.59 -10.69 6.31
N LEU A 280 -11.20 -11.64 7.01
CA LEU A 280 -11.83 -11.35 8.29
C LEU A 280 -10.89 -11.65 9.46
N LEU A 281 -9.67 -11.11 9.37
CA LEU A 281 -8.66 -11.30 10.40
C LEU A 281 -9.11 -10.65 11.70
N PRO A 282 -9.10 -11.40 12.81
CA PRO A 282 -9.51 -10.84 14.12
C PRO A 282 -8.73 -9.58 14.50
N ALA A 283 -9.40 -8.64 15.16
CA ALA A 283 -8.78 -7.39 15.54
C ALA A 283 -7.61 -7.59 16.51
N SER A 284 -7.61 -8.73 17.19
CA SER A 284 -6.55 -9.04 18.14
C SER A 284 -5.21 -9.27 17.41
N GLN A 285 -5.25 -9.42 16.09
CA GLN A 285 -4.02 -9.63 15.33
C GLN A 285 -3.51 -8.35 14.67
N ILE A 286 -4.24 -7.25 14.82
CA ILE A 286 -3.82 -5.98 14.20
C ILE A 286 -2.45 -5.51 14.66
N ILE A 287 -2.25 -5.39 15.96
CA ILE A 287 -0.97 -4.88 16.43
C ILE A 287 0.20 -5.82 16.13
N PRO A 288 0.06 -7.14 16.40
CA PRO A 288 1.16 -8.04 16.09
C PRO A 288 1.50 -7.99 14.59
N THR A 289 0.47 -7.94 13.74
CA THR A 289 0.70 -7.88 12.29
C THR A 289 1.45 -6.59 11.96
N ALA A 290 1.01 -5.46 12.51
CA ALA A 290 1.67 -4.19 12.21
C ALA A 290 3.12 -4.18 12.68
N GLN A 291 3.35 -4.68 13.88
CA GLN A 291 4.70 -4.69 14.42
C GLN A 291 5.68 -5.53 13.59
N GLU A 292 5.26 -6.73 13.18
CA GLU A 292 6.19 -7.56 12.43
C GLU A 292 6.36 -7.00 11.03
N THR A 293 5.29 -6.44 10.47
CA THR A 293 5.39 -5.88 9.10
C THR A 293 6.32 -4.68 9.11
N TRP A 294 6.28 -3.91 10.18
CA TRP A 294 7.18 -2.74 10.31
C TRP A 294 8.66 -3.18 10.16
N LEU A 295 9.03 -4.30 10.78
CA LEU A 295 10.42 -4.78 10.68
C LEU A 295 10.80 -5.10 9.24
N GLY A 296 9.84 -5.64 8.50
CA GLY A 296 10.11 -5.96 7.11
C GLY A 296 10.23 -4.70 6.28
N VAL A 297 9.32 -3.75 6.50
CA VAL A 297 9.36 -2.50 5.75
C VAL A 297 10.62 -1.69 6.06
N LEU A 298 10.97 -1.62 7.33
CA LEU A 298 12.17 -0.88 7.71
C LEU A 298 13.40 -1.45 7.03
N THR A 299 13.46 -2.78 6.94
CA THR A 299 14.58 -3.44 6.31
C THR A 299 14.71 -2.97 4.87
N ILE A 300 13.58 -2.86 4.18
CA ILE A 300 13.62 -2.42 2.79
C ILE A 300 14.05 -0.95 2.72
N MET A 301 13.52 -0.11 3.61
CA MET A 301 13.90 1.31 3.59
C MET A 301 15.40 1.48 3.86
N GLU A 302 15.94 0.67 4.76
CA GLU A 302 17.36 0.78 5.08
C GLU A 302 18.20 0.52 3.84
N HIS A 303 17.75 -0.42 3.02
CA HIS A 303 18.49 -0.75 1.81
C HIS A 303 18.40 0.34 0.75
N THR A 304 17.33 1.13 0.76
CA THR A 304 17.17 2.17 -0.24
C THR A 304 17.98 3.42 0.06
N VAL A 305 18.09 3.76 1.34
CA VAL A 305 18.85 4.94 1.76
C VAL A 305 20.32 4.76 1.45
N ASN A 306 20.81 3.55 1.71
CA ASN A 306 22.21 3.19 1.49
C ASN A 306 22.48 2.86 0.01
N ASN A 307 21.46 2.91 -0.83
CA ASN A 307 21.60 2.64 -2.25
C ASN A 307 21.37 3.95 -2.99
#